data_2ZB9
#
_entry.id   2ZB9
#
_cell.length_a   52.413
_cell.length_b   77.778
_cell.length_c   57.272
_cell.angle_alpha   90.00
_cell.angle_beta   104.31
_cell.angle_gamma   90.00
#
_symmetry.space_group_name_H-M   'P 1 21 1'
#
loop_
_entity.id
_entity.type
_entity.pdbx_description
1 polymer 'Putative transcriptional regulator'
2 water water
#
_entity_poly.entity_id   1
_entity_poly.type   'polypeptide(L)'
_entity_poly.pdbx_seq_one_letter_code
;MANDANGRPAPGSRGRGRRPAEEVRAEVLHAVGELLLTEGTAQLTFERVARVSGVSKTTLYKWWPSKGALALDGYFHAVE
DTLAFPDTGDVRADLLAQLRAFTHVMTRTPGGRILTELIGAAQTDADLATAYRQLYSAQRRALAAERLRHARELGQIRPD
VDVQVLVDQLWGAVYHRLLIPDEPVDDAFVTALVTNLLDGVCPRPALEHHHHHH
;
_entity_poly.pdbx_strand_id   A,B
#
# COMPACT_ATOMS: atom_id res chain seq x y z
N GLY A 17 3.80 -11.33 -37.04
CA GLY A 17 5.00 -10.45 -37.10
C GLY A 17 5.20 -9.68 -35.81
N ARG A 18 6.25 -8.85 -35.76
CA ARG A 18 6.52 -8.06 -34.58
C ARG A 18 7.19 -6.73 -34.86
N ARG A 19 7.15 -6.27 -36.11
CA ARG A 19 7.75 -4.98 -36.43
C ARG A 19 6.69 -3.95 -36.77
N PRO A 20 6.12 -4.00 -37.98
CA PRO A 20 5.09 -2.98 -38.26
C PRO A 20 3.94 -3.14 -37.26
N ALA A 21 3.78 -4.36 -36.75
CA ALA A 21 2.72 -4.66 -35.78
C ALA A 21 3.09 -4.09 -34.42
N GLU A 22 4.38 -4.15 -34.08
CA GLU A 22 4.84 -3.63 -32.80
C GLU A 22 4.83 -2.10 -32.86
N GLU A 23 5.11 -1.54 -34.03
CA GLU A 23 5.10 -0.10 -34.21
C GLU A 23 3.68 0.39 -33.95
N VAL A 24 2.72 -0.34 -34.50
CA VAL A 24 1.31 0.01 -34.34
C VAL A 24 0.92 -0.05 -32.86
N ARG A 25 1.37 -1.10 -32.18
CA ARG A 25 1.07 -1.27 -30.76
C ARG A 25 1.61 -0.08 -29.96
N ALA A 26 2.83 0.34 -30.29
CA ALA A 26 3.47 1.47 -29.61
C ALA A 26 2.69 2.77 -29.80
N GLU A 27 2.26 3.03 -31.02
CA GLU A 27 1.48 4.24 -31.32
C GLU A 27 0.20 4.26 -30.49
N VAL A 28 -0.47 3.11 -30.43
CA VAL A 28 -1.71 3.01 -29.68
C VAL A 28 -1.42 3.25 -28.20
N LEU A 29 -0.41 2.57 -27.69
CA LEU A 29 -0.03 2.70 -26.28
C LEU A 29 0.33 4.16 -25.98
N HIS A 30 0.94 4.84 -26.95
CA HIS A 30 1.29 6.25 -26.77
C HIS A 30 0.00 7.05 -26.67
N ALA A 31 -0.97 6.74 -27.52
CA ALA A 31 -2.24 7.46 -27.49
C ALA A 31 -2.95 7.21 -26.16
N VAL A 32 -2.89 5.96 -25.67
CA VAL A 32 -3.52 5.63 -24.40
C VAL A 32 -2.91 6.43 -23.25
N GLY A 33 -1.59 6.47 -23.20
CA GLY A 33 -0.90 7.18 -22.14
C GLY A 33 -1.25 8.66 -22.13
N GLU A 34 -1.29 9.25 -23.33
CA GLU A 34 -1.60 10.66 -23.48
C GLU A 34 -3.01 11.00 -22.99
N LEU A 35 -3.97 10.18 -23.39
CA LEU A 35 -5.37 10.37 -23.00
C LEU A 35 -5.53 10.11 -21.50
N LEU A 36 -4.96 9.01 -21.04
CA LEU A 36 -5.04 8.63 -19.64
C LEU A 36 -4.49 9.71 -18.70
N LEU A 37 -3.30 10.22 -19.01
CA LEU A 37 -2.67 11.23 -18.17
C LEU A 37 -3.28 12.63 -18.22
N THR A 38 -4.04 12.94 -19.26
CA THR A 38 -4.64 14.27 -19.36
C THR A 38 -6.11 14.27 -18.98
N GLU A 39 -6.80 13.17 -19.25
CA GLU A 39 -8.23 13.10 -18.95
C GLU A 39 -8.68 12.10 -17.90
N GLY A 40 -7.80 11.20 -17.48
CA GLY A 40 -8.18 10.23 -16.46
C GLY A 40 -8.72 8.92 -16.99
N THR A 41 -8.78 7.92 -16.13
CA THR A 41 -9.24 6.59 -16.49
C THR A 41 -10.70 6.49 -16.94
N ALA A 42 -11.58 7.24 -16.29
CA ALA A 42 -13.00 7.19 -16.64
C ALA A 42 -13.23 7.63 -18.09
N GLN A 43 -12.37 8.53 -18.57
CA GLN A 43 -12.46 9.03 -19.94
C GLN A 43 -11.89 8.09 -20.99
N LEU A 44 -11.09 7.12 -20.56
CA LEU A 44 -10.49 6.18 -21.49
C LEU A 44 -11.48 5.17 -22.04
N THR A 45 -11.59 5.10 -23.36
CA THR A 45 -12.49 4.14 -24.02
C THR A 45 -11.81 3.57 -25.26
N PHE A 46 -12.19 2.36 -25.63
CA PHE A 46 -11.62 1.72 -26.82
C PHE A 46 -12.00 2.54 -28.07
N GLU A 47 -13.23 3.05 -28.07
CA GLU A 47 -13.72 3.86 -29.20
C GLU A 47 -12.91 5.15 -29.34
N ARG A 48 -12.52 5.71 -28.20
CA ARG A 48 -11.74 6.94 -28.18
C ARG A 48 -10.32 6.67 -28.67
N VAL A 49 -9.71 5.59 -28.18
CA VAL A 49 -8.36 5.22 -28.58
C VAL A 49 -8.32 4.88 -30.07
N ALA A 50 -9.32 4.14 -30.54
CA ALA A 50 -9.37 3.76 -31.95
C ALA A 50 -9.46 4.99 -32.84
N ARG A 51 -10.28 5.96 -32.44
CA ARG A 51 -10.44 7.18 -33.23
C ARG A 51 -9.16 8.01 -33.27
N VAL A 52 -8.54 8.17 -32.10
CA VAL A 52 -7.33 8.94 -31.97
C VAL A 52 -6.11 8.33 -32.64
N SER A 53 -6.00 7.01 -32.63
CA SER A 53 -4.85 6.33 -33.22
C SER A 53 -5.04 5.96 -34.68
N GLY A 54 -6.29 5.75 -35.10
CA GLY A 54 -6.56 5.37 -36.48
C GLY A 54 -6.54 3.86 -36.63
N VAL A 55 -6.41 3.15 -35.51
CA VAL A 55 -6.40 1.69 -35.51
C VAL A 55 -7.77 1.19 -35.08
N SER A 56 -8.30 0.20 -35.79
CA SER A 56 -9.63 -0.33 -35.49
C SER A 56 -9.76 -0.96 -34.11
N LYS A 57 -10.96 -0.90 -33.55
CA LYS A 57 -11.24 -1.47 -32.25
C LYS A 57 -10.97 -2.98 -32.26
N THR A 58 -11.25 -3.60 -33.40
CA THR A 58 -11.04 -5.05 -33.56
C THR A 58 -9.63 -5.41 -33.12
N THR A 59 -8.66 -4.66 -33.62
CA THR A 59 -7.27 -4.89 -33.28
C THR A 59 -7.04 -4.58 -31.82
N LEU A 60 -7.65 -3.49 -31.34
CA LEU A 60 -7.52 -3.07 -29.95
C LEU A 60 -7.98 -4.17 -28.99
N TYR A 61 -9.18 -4.69 -29.25
CA TYR A 61 -9.74 -5.75 -28.42
C TYR A 61 -8.83 -6.99 -28.35
N LYS A 62 -8.12 -7.27 -29.44
CA LYS A 62 -7.21 -8.42 -29.47
C LYS A 62 -6.02 -8.25 -28.54
N TRP A 63 -5.47 -7.04 -28.50
CA TRP A 63 -4.31 -6.77 -27.65
C TRP A 63 -4.67 -6.47 -26.20
N TRP A 64 -5.82 -5.87 -25.96
CA TRP A 64 -6.25 -5.54 -24.61
C TRP A 64 -7.68 -6.02 -24.39
N PRO A 65 -7.84 -7.17 -23.74
CA PRO A 65 -9.14 -7.78 -23.45
C PRO A 65 -10.07 -6.95 -22.59
N SER A 66 -9.56 -5.89 -21.97
CA SER A 66 -10.43 -5.06 -21.14
C SER A 66 -9.92 -3.64 -20.98
N LYS A 67 -10.82 -2.78 -20.52
CA LYS A 67 -10.51 -1.38 -20.28
C LYS A 67 -9.38 -1.31 -19.25
N GLY A 68 -9.44 -2.19 -18.25
CA GLY A 68 -8.42 -2.21 -17.21
C GLY A 68 -7.04 -2.50 -17.78
N ALA A 69 -6.95 -3.53 -18.62
CA ALA A 69 -5.68 -3.89 -19.25
C ALA A 69 -5.18 -2.76 -20.15
N LEU A 70 -6.11 -2.10 -20.83
CA LEU A 70 -5.75 -1.01 -21.72
C LEU A 70 -5.12 0.13 -20.94
N ALA A 71 -5.78 0.54 -19.86
CA ALA A 71 -5.27 1.62 -19.03
C ALA A 71 -3.93 1.29 -18.38
N LEU A 72 -3.82 0.11 -17.77
CA LEU A 72 -2.58 -0.31 -17.10
C LEU A 72 -1.38 -0.40 -18.04
N ASP A 73 -1.57 -1.00 -19.20
CA ASP A 73 -0.47 -1.14 -20.16
C ASP A 73 -0.06 0.24 -20.65
N GLY A 74 -1.04 1.09 -20.94
CA GLY A 74 -0.72 2.43 -21.41
C GLY A 74 0.00 3.21 -20.31
N TYR A 75 -0.46 3.04 -19.07
CA TYR A 75 0.15 3.74 -17.96
C TYR A 75 1.60 3.31 -17.76
N PHE A 76 1.85 2.01 -17.74
CA PHE A 76 3.21 1.50 -17.55
C PHE A 76 4.18 2.13 -18.57
N HIS A 77 3.77 2.14 -19.83
CA HIS A 77 4.61 2.71 -20.87
C HIS A 77 4.73 4.24 -20.85
N ALA A 78 3.75 4.91 -20.24
CA ALA A 78 3.78 6.36 -20.15
C ALA A 78 4.78 6.86 -19.09
N VAL A 79 4.97 6.09 -18.03
CA VAL A 79 5.87 6.49 -16.95
C VAL A 79 7.19 5.74 -16.94
N GLU A 80 7.34 4.77 -17.85
CA GLU A 80 8.54 3.96 -17.92
C GLU A 80 9.87 4.71 -17.93
N ASP A 81 10.03 5.66 -18.86
CA ASP A 81 11.28 6.42 -18.95
C ASP A 81 11.54 7.23 -17.70
N THR A 82 10.50 7.91 -17.24
CA THR A 82 10.59 8.75 -16.05
C THR A 82 10.92 7.95 -14.78
N LEU A 83 10.43 6.71 -14.70
CA LEU A 83 10.69 5.90 -13.51
C LEU A 83 11.83 4.89 -13.65
N ALA A 84 12.55 4.95 -14.76
CA ALA A 84 13.68 4.06 -14.99
C ALA A 84 14.74 4.26 -13.90
N PHE A 85 15.49 3.20 -13.60
CA PHE A 85 16.52 3.27 -12.57
C PHE A 85 17.91 3.69 -13.03
N PRO A 86 18.44 4.75 -12.44
CA PRO A 86 19.78 5.18 -12.85
C PRO A 86 20.69 4.06 -12.34
N ASP A 87 21.77 3.78 -13.06
CA ASP A 87 22.67 2.73 -12.62
C ASP A 87 24.09 3.29 -12.77
N THR A 88 24.42 4.22 -11.88
CA THR A 88 25.71 4.91 -11.88
C THR A 88 26.77 4.29 -10.99
N GLY A 89 26.40 3.31 -10.17
CA GLY A 89 27.36 2.69 -9.28
C GLY A 89 27.25 3.22 -7.86
N ASP A 90 26.25 4.07 -7.62
CA ASP A 90 26.03 4.64 -6.28
C ASP A 90 24.56 4.35 -5.94
N VAL A 91 24.31 3.25 -5.25
CA VAL A 91 22.94 2.86 -4.93
C VAL A 91 22.17 3.90 -4.12
N ARG A 92 22.84 4.63 -3.23
CA ARG A 92 22.16 5.64 -2.43
C ARG A 92 21.64 6.76 -3.33
N ALA A 93 22.54 7.31 -4.15
CA ALA A 93 22.17 8.40 -5.05
C ALA A 93 21.12 7.98 -6.07
N ASP A 94 21.31 6.81 -6.67
CA ASP A 94 20.36 6.32 -7.67
C ASP A 94 18.98 6.07 -7.07
N LEU A 95 18.94 5.46 -5.89
CA LEU A 95 17.69 5.18 -5.20
C LEU A 95 16.96 6.49 -4.87
N LEU A 96 17.70 7.50 -4.41
CA LEU A 96 17.09 8.79 -4.08
C LEU A 96 16.54 9.42 -5.36
N ALA A 97 17.30 9.36 -6.43
CA ALA A 97 16.86 9.94 -7.70
C ALA A 97 15.61 9.26 -8.23
N GLN A 98 15.54 7.95 -8.14
CA GLN A 98 14.37 7.22 -8.63
C GLN A 98 13.15 7.43 -7.74
N LEU A 99 13.33 7.38 -6.42
CA LEU A 99 12.21 7.59 -5.50
C LEU A 99 11.64 9.01 -5.64
N ARG A 100 12.50 9.97 -5.95
CA ARG A 100 12.02 11.36 -6.12
C ARG A 100 11.22 11.52 -7.40
N ALA A 101 11.66 10.87 -8.48
CA ALA A 101 10.92 10.95 -9.73
C ALA A 101 9.57 10.24 -9.50
N PHE A 102 9.61 9.15 -8.74
CA PHE A 102 8.40 8.39 -8.42
C PHE A 102 7.44 9.26 -7.62
N THR A 103 7.97 9.93 -6.61
CA THR A 103 7.17 10.81 -5.77
C THR A 103 6.56 11.94 -6.58
N HIS A 104 7.33 12.50 -7.50
CA HIS A 104 6.84 13.58 -8.34
C HIS A 104 5.63 13.06 -9.14
N VAL A 105 5.80 11.91 -9.78
CA VAL A 105 4.73 11.32 -10.57
C VAL A 105 3.49 11.08 -9.73
N MET A 106 3.67 10.48 -8.55
CA MET A 106 2.54 10.15 -7.69
C MET A 106 1.83 11.30 -6.96
N THR A 107 2.51 12.44 -6.76
CA THR A 107 1.91 13.55 -6.05
C THR A 107 1.68 14.83 -6.87
N ARG A 108 2.46 15.03 -7.92
CA ARG A 108 2.35 16.24 -8.75
C ARG A 108 1.87 15.95 -10.16
N THR A 109 1.30 14.76 -10.35
CA THR A 109 0.83 14.33 -11.66
C THR A 109 -0.50 13.57 -11.51
N PRO A 110 -1.30 13.53 -12.59
CA PRO A 110 -2.58 12.81 -12.48
C PRO A 110 -2.31 11.32 -12.30
N GLY A 111 -1.06 10.93 -12.55
CA GLY A 111 -0.66 9.54 -12.44
C GLY A 111 -0.87 8.95 -11.06
N GLY A 112 -0.65 9.75 -10.02
CA GLY A 112 -0.82 9.27 -8.67
C GLY A 112 -2.23 8.81 -8.42
N ARG A 113 -3.19 9.68 -8.71
CA ARG A 113 -4.61 9.36 -8.52
C ARG A 113 -5.05 8.21 -9.41
N ILE A 114 -4.60 8.21 -10.65
CA ILE A 114 -4.95 7.16 -11.60
C ILE A 114 -4.58 5.78 -11.03
N LEU A 115 -3.35 5.65 -10.58
CA LEU A 115 -2.86 4.39 -10.04
C LEU A 115 -3.53 3.97 -8.72
N THR A 116 -3.65 4.91 -7.78
CA THR A 116 -4.27 4.60 -6.49
C THR A 116 -5.74 4.18 -6.64
N GLU A 117 -6.43 4.75 -7.61
CA GLU A 117 -7.83 4.39 -7.83
C GLU A 117 -7.94 3.02 -8.47
N LEU A 118 -6.93 2.63 -9.24
CA LEU A 118 -6.94 1.31 -9.86
C LEU A 118 -6.63 0.27 -8.78
N ILE A 119 -5.72 0.62 -7.87
CA ILE A 119 -5.37 -0.26 -6.77
C ILE A 119 -6.63 -0.46 -5.93
N GLY A 120 -7.36 0.63 -5.73
CA GLY A 120 -8.58 0.56 -4.95
C GLY A 120 -9.62 -0.34 -5.58
N ALA A 121 -9.87 -0.15 -6.88
CA ALA A 121 -10.85 -0.97 -7.59
C ALA A 121 -10.45 -2.44 -7.60
N ALA A 122 -9.15 -2.70 -7.71
CA ALA A 122 -8.63 -4.06 -7.73
C ALA A 122 -9.00 -4.86 -6.49
N GLN A 123 -9.21 -4.16 -5.37
CA GLN A 123 -9.55 -4.84 -4.12
C GLN A 123 -10.82 -5.66 -4.18
N THR A 124 -11.71 -5.35 -5.12
CA THR A 124 -12.97 -6.10 -5.25
C THR A 124 -13.25 -6.53 -6.68
N ASP A 125 -12.20 -6.64 -7.48
CA ASP A 125 -12.33 -7.05 -8.88
C ASP A 125 -11.12 -7.93 -9.16
N ALA A 126 -11.31 -9.24 -9.01
CA ALA A 126 -10.24 -10.21 -9.20
C ALA A 126 -9.49 -10.09 -10.51
N ASP A 127 -10.23 -9.87 -11.60
CA ASP A 127 -9.62 -9.73 -12.92
C ASP A 127 -8.75 -8.48 -13.02
N LEU A 128 -9.21 -7.37 -12.46
CA LEU A 128 -8.44 -6.15 -12.51
C LEU A 128 -7.16 -6.32 -11.68
N ALA A 129 -7.27 -6.97 -10.53
CA ALA A 129 -6.12 -7.20 -9.67
C ALA A 129 -5.07 -7.99 -10.44
N THR A 130 -5.51 -9.01 -11.18
CA THR A 130 -4.59 -9.82 -11.97
C THR A 130 -3.89 -8.99 -13.03
N ALA A 131 -4.65 -8.12 -13.70
CA ALA A 131 -4.09 -7.26 -14.75
C ALA A 131 -3.12 -6.23 -14.16
N TYR A 132 -3.43 -5.74 -12.96
CA TYR A 132 -2.57 -4.76 -12.32
C TYR A 132 -1.17 -5.35 -12.12
N ARG A 133 -1.11 -6.59 -11.67
CA ARG A 133 0.17 -7.26 -11.45
C ARG A 133 0.87 -7.60 -12.76
N GLN A 134 0.15 -8.19 -13.70
CA GLN A 134 0.75 -8.58 -14.97
C GLN A 134 1.21 -7.43 -15.86
N LEU A 135 0.47 -6.33 -15.84
CA LEU A 135 0.81 -5.20 -16.70
C LEU A 135 1.55 -4.06 -16.02
N TYR A 136 1.53 -4.01 -14.68
CA TYR A 136 2.23 -2.94 -13.99
C TYR A 136 3.16 -3.32 -12.84
N SER A 137 2.59 -3.65 -11.68
CA SER A 137 3.41 -3.93 -10.50
C SER A 137 4.48 -5.02 -10.61
N ALA A 138 4.16 -6.16 -11.22
CA ALA A 138 5.16 -7.22 -11.33
C ALA A 138 6.42 -6.73 -12.02
N GLN A 139 6.24 -6.00 -13.12
CA GLN A 139 7.37 -5.48 -13.87
C GLN A 139 8.07 -4.34 -13.11
N ARG A 140 7.31 -3.49 -12.43
CA ARG A 140 7.94 -2.40 -11.69
C ARG A 140 8.86 -3.03 -10.65
N ARG A 141 8.33 -4.03 -9.94
CA ARG A 141 9.10 -4.74 -8.92
C ARG A 141 10.38 -5.36 -9.45
N ALA A 142 10.27 -6.03 -10.60
CA ALA A 142 11.43 -6.68 -11.20
C ALA A 142 12.49 -5.64 -11.53
N LEU A 143 12.05 -4.49 -12.00
CA LEU A 143 12.95 -3.39 -12.37
C LEU A 143 13.67 -2.91 -11.10
N ALA A 144 12.93 -2.74 -10.02
CA ALA A 144 13.54 -2.30 -8.77
C ALA A 144 14.45 -3.38 -8.15
N ALA A 145 13.95 -4.62 -8.09
CA ALA A 145 14.74 -5.72 -7.52
C ALA A 145 16.04 -5.88 -8.31
N GLU A 146 15.97 -5.66 -9.61
CA GLU A 146 17.14 -5.78 -10.48
C GLU A 146 18.21 -4.74 -10.11
N ARG A 147 17.79 -3.50 -9.93
CA ARG A 147 18.73 -2.45 -9.56
C ARG A 147 19.34 -2.80 -8.20
N LEU A 148 18.50 -3.25 -7.28
CA LEU A 148 18.95 -3.62 -5.93
C LEU A 148 19.93 -4.80 -5.94
N ARG A 149 19.64 -5.83 -6.73
CA ARG A 149 20.54 -6.97 -6.82
C ARG A 149 21.88 -6.55 -7.40
N HIS A 150 21.85 -5.60 -8.33
CA HIS A 150 23.09 -5.12 -8.93
C HIS A 150 23.96 -4.49 -7.85
N ALA A 151 23.35 -3.67 -7.00
CA ALA A 151 24.08 -3.04 -5.90
C ALA A 151 24.63 -4.13 -4.98
N ARG A 152 23.84 -5.18 -4.75
CA ARG A 152 24.28 -6.26 -3.89
C ARG A 152 25.48 -6.99 -4.49
N GLU A 153 25.44 -7.22 -5.81
CA GLU A 153 26.52 -7.90 -6.51
C GLU A 153 27.80 -7.06 -6.44
N LEU A 154 27.65 -5.74 -6.41
CA LEU A 154 28.80 -4.85 -6.33
C LEU A 154 29.23 -4.65 -4.87
N GLY A 155 28.51 -5.28 -3.95
CA GLY A 155 28.84 -5.18 -2.54
C GLY A 155 28.31 -3.98 -1.77
N GLN A 156 27.37 -3.23 -2.34
CA GLN A 156 26.83 -2.05 -1.65
C GLN A 156 25.66 -2.40 -0.74
N ILE A 157 25.22 -3.65 -0.83
CA ILE A 157 24.13 -4.15 -0.02
C ILE A 157 24.59 -5.51 0.48
N ARG A 158 24.37 -5.80 1.76
CA ARG A 158 24.81 -7.08 2.32
C ARG A 158 24.29 -8.20 1.43
N PRO A 159 25.13 -9.23 1.20
CA PRO A 159 24.74 -10.36 0.35
C PRO A 159 23.57 -11.22 0.82
N ASP A 160 23.27 -11.17 2.11
CA ASP A 160 22.18 -11.95 2.67
C ASP A 160 20.86 -11.18 2.77
N VAL A 161 20.76 -10.05 2.08
CA VAL A 161 19.55 -9.25 2.11
C VAL A 161 18.63 -9.63 0.95
N ASP A 162 17.35 -9.80 1.27
CA ASP A 162 16.34 -10.14 0.27
C ASP A 162 15.86 -8.83 -0.33
N VAL A 163 16.21 -8.57 -1.59
CA VAL A 163 15.83 -7.34 -2.25
C VAL A 163 14.32 -7.12 -2.41
N GLN A 164 13.56 -8.20 -2.50
CA GLN A 164 12.11 -8.07 -2.64
C GLN A 164 11.51 -7.41 -1.41
N VAL A 165 12.10 -7.66 -0.25
CA VAL A 165 11.61 -7.05 0.99
C VAL A 165 11.88 -5.55 0.91
N LEU A 166 13.05 -5.18 0.42
CA LEU A 166 13.41 -3.76 0.32
C LEU A 166 12.39 -3.01 -0.54
N VAL A 167 11.97 -3.64 -1.62
CA VAL A 167 10.98 -3.02 -2.49
C VAL A 167 9.77 -2.53 -1.69
N ASP A 168 9.28 -3.35 -0.77
CA ASP A 168 8.13 -2.98 0.05
C ASP A 168 8.47 -1.92 1.09
N GLN A 169 9.73 -1.84 1.48
CA GLN A 169 10.13 -0.86 2.48
C GLN A 169 10.49 0.49 1.88
N LEU A 170 10.45 0.58 0.56
CA LEU A 170 10.73 1.83 -0.14
C LEU A 170 9.44 2.26 -0.83
N TRP A 171 9.20 1.73 -2.02
CA TRP A 171 8.01 2.05 -2.79
C TRP A 171 6.72 1.66 -2.04
N GLY A 172 6.72 0.49 -1.42
CA GLY A 172 5.54 0.06 -0.68
C GLY A 172 5.17 1.06 0.40
N ALA A 173 6.17 1.61 1.07
CA ALA A 173 5.97 2.60 2.14
C ALA A 173 5.32 3.85 1.58
N VAL A 174 5.72 4.24 0.37
CA VAL A 174 5.17 5.41 -0.29
C VAL A 174 3.71 5.13 -0.68
N TYR A 175 3.48 3.99 -1.31
CA TYR A 175 2.13 3.62 -1.70
C TYR A 175 1.22 3.64 -0.48
N HIS A 176 1.71 3.11 0.63
CA HIS A 176 0.92 3.07 1.85
C HIS A 176 0.53 4.45 2.36
N ARG A 177 1.49 5.36 2.41
CA ARG A 177 1.19 6.69 2.88
C ARG A 177 0.27 7.38 1.87
N LEU A 178 0.37 6.98 0.60
CA LEU A 178 -0.49 7.56 -0.43
C LEU A 178 -1.90 7.01 -0.37
N LEU A 179 -2.05 5.70 -0.18
CA LEU A 179 -3.38 5.08 -0.10
C LEU A 179 -4.16 5.56 1.13
N ILE A 180 -3.45 5.79 2.23
CA ILE A 180 -4.08 6.28 3.45
C ILE A 180 -3.16 7.36 4.03
N PRO A 181 -3.42 8.61 3.62
CA PRO A 181 -2.70 9.84 3.97
C PRO A 181 -2.77 10.40 5.39
N ASP A 182 -2.36 9.63 6.38
CA ASP A 182 -2.33 10.10 7.76
C ASP A 182 -1.12 11.03 7.87
N GLU A 183 -0.12 10.79 7.03
CA GLU A 183 1.10 11.58 7.02
C GLU A 183 1.42 12.02 5.59
N PRO A 184 2.13 13.16 5.44
CA PRO A 184 2.47 13.67 4.12
C PRO A 184 3.58 12.90 3.40
N VAL A 185 3.53 12.95 2.07
CA VAL A 185 4.53 12.31 1.23
C VAL A 185 5.38 13.41 0.59
N ASP A 186 6.50 13.73 1.24
CA ASP A 186 7.39 14.76 0.72
C ASP A 186 8.82 14.26 0.57
N ASP A 187 9.73 15.17 0.23
CA ASP A 187 11.12 14.82 0.04
C ASP A 187 11.79 14.32 1.32
N ALA A 188 11.38 14.88 2.45
CA ALA A 188 11.95 14.48 3.74
C ALA A 188 11.58 13.02 3.98
N PHE A 189 10.35 12.67 3.63
CA PHE A 189 9.86 11.31 3.79
C PHE A 189 10.70 10.39 2.90
N VAL A 190 10.81 10.76 1.63
CA VAL A 190 11.58 9.99 0.66
C VAL A 190 13.02 9.78 1.12
N THR A 191 13.70 10.86 1.49
CA THR A 191 15.08 10.77 1.93
C THR A 191 15.23 9.89 3.16
N ALA A 192 14.31 9.98 4.10
CA ALA A 192 14.35 9.17 5.32
C ALA A 192 14.17 7.67 5.01
N LEU A 193 13.35 7.35 4.02
CA LEU A 193 13.12 5.96 3.67
C LEU A 193 14.43 5.29 3.28
N VAL A 194 15.24 5.97 2.48
CA VAL A 194 16.52 5.43 2.03
C VAL A 194 17.59 5.42 3.12
N THR A 195 17.73 6.51 3.87
CA THR A 195 18.76 6.54 4.90
C THR A 195 18.48 5.53 6.02
N ASN A 196 17.22 5.39 6.41
CA ASN A 196 16.87 4.43 7.46
C ASN A 196 17.31 3.03 7.08
N LEU A 197 16.98 2.65 5.85
CA LEU A 197 17.28 1.34 5.32
C LEU A 197 18.77 1.09 5.10
N LEU A 198 19.43 2.00 4.41
CA LEU A 198 20.84 1.88 4.13
C LEU A 198 21.71 1.99 5.37
N ASP A 199 21.42 2.97 6.22
CA ASP A 199 22.22 3.19 7.43
C ASP A 199 21.72 2.49 8.68
N GLY A 200 20.46 2.04 8.68
CA GLY A 200 19.93 1.38 9.86
C GLY A 200 19.44 2.45 10.82
N VAL A 201 18.54 2.08 11.74
CA VAL A 201 17.98 3.05 12.69
C VAL A 201 18.48 2.87 14.12
N CYS A 202 19.46 1.99 14.32
CA CYS A 202 20.01 1.76 15.66
C CYS A 202 21.36 2.45 15.79
N PRO A 203 21.66 2.98 16.97
CA PRO A 203 22.93 3.68 17.22
C PRO A 203 24.12 2.85 16.77
N ARG A 204 25.13 3.51 16.21
CA ARG A 204 26.33 2.85 15.73
C ARG A 204 26.05 2.07 14.44
N GLU B 22 -24.97 6.97 26.35
CA GLU B 22 -24.38 6.08 27.39
C GLU B 22 -23.23 5.24 26.82
N GLU B 23 -22.84 4.21 27.56
CA GLU B 23 -21.76 3.32 27.16
C GLU B 23 -22.36 2.21 26.30
N VAL B 24 -23.65 2.33 26.02
CA VAL B 24 -24.33 1.34 25.20
C VAL B 24 -23.59 1.11 23.88
N ARG B 25 -22.77 2.10 23.51
CA ARG B 25 -21.99 2.01 22.28
C ARG B 25 -21.09 0.78 22.36
N ALA B 26 -20.92 0.26 23.57
CA ALA B 26 -20.08 -0.91 23.80
C ALA B 26 -20.71 -2.19 23.28
N GLU B 27 -21.93 -2.46 23.71
CA GLU B 27 -22.63 -3.67 23.27
C GLU B 27 -22.67 -3.77 21.74
N VAL B 28 -22.86 -2.63 21.09
CA VAL B 28 -22.91 -2.59 19.63
C VAL B 28 -21.55 -2.99 19.07
N LEU B 29 -20.51 -2.29 19.49
CA LEU B 29 -19.15 -2.58 19.03
C LEU B 29 -18.79 -4.03 19.24
N HIS B 30 -19.16 -4.57 20.39
CA HIS B 30 -18.87 -5.96 20.72
C HIS B 30 -19.53 -6.90 19.72
N ALA B 31 -20.80 -6.64 19.44
CA ALA B 31 -21.54 -7.47 18.49
C ALA B 31 -20.91 -7.38 17.11
N VAL B 32 -20.63 -6.15 16.67
CA VAL B 32 -20.02 -5.93 15.37
C VAL B 32 -18.67 -6.62 15.28
N GLY B 33 -17.88 -6.54 16.35
CA GLY B 33 -16.58 -7.18 16.36
C GLY B 33 -16.67 -8.67 16.13
N GLU B 34 -17.56 -9.34 16.85
CA GLU B 34 -17.72 -10.78 16.70
C GLU B 34 -18.14 -11.13 15.28
N LEU B 35 -19.05 -10.35 14.73
CA LEU B 35 -19.54 -10.57 13.38
C LEU B 35 -18.38 -10.46 12.37
N LEU B 36 -17.66 -9.36 12.43
CA LEU B 36 -16.53 -9.11 11.53
C LEU B 36 -15.46 -10.19 11.56
N LEU B 37 -15.09 -10.64 12.76
CA LEU B 37 -14.07 -11.64 12.90
C LEU B 37 -14.51 -13.05 12.51
N THR B 38 -15.82 -13.26 12.38
CA THR B 38 -16.30 -14.58 11.99
C THR B 38 -16.81 -14.63 10.55
N GLU B 39 -17.23 -13.51 10.00
CA GLU B 39 -17.75 -13.54 8.63
C GLU B 39 -17.51 -12.32 7.75
N GLY B 40 -16.64 -11.41 8.20
CA GLY B 40 -16.37 -10.24 7.38
C GLY B 40 -17.48 -9.21 7.40
N THR B 41 -17.49 -8.34 6.40
CA THR B 41 -18.47 -7.27 6.30
C THR B 41 -19.63 -7.51 5.34
N ALA B 42 -19.51 -8.52 4.49
CA ALA B 42 -20.55 -8.82 3.50
C ALA B 42 -21.98 -8.70 4.02
N GLN B 43 -22.27 -9.33 5.15
CA GLN B 43 -23.61 -9.25 5.73
C GLN B 43 -23.73 -8.38 6.97
N LEU B 44 -22.93 -7.33 7.03
CA LEU B 44 -22.97 -6.42 8.17
C LEU B 44 -24.00 -5.33 7.85
N THR B 45 -25.22 -5.50 8.37
CA THR B 45 -26.29 -4.53 8.12
C THR B 45 -26.77 -3.88 9.41
N PHE B 46 -27.24 -2.65 9.31
CA PHE B 46 -27.76 -1.91 10.45
C PHE B 46 -28.90 -2.70 11.08
N GLU B 47 -29.76 -3.27 10.23
CA GLU B 47 -30.90 -4.04 10.69
C GLU B 47 -30.43 -5.17 11.60
N ARG B 48 -29.61 -6.05 11.05
CA ARG B 48 -29.08 -7.19 11.80
C ARG B 48 -28.39 -6.76 13.10
N VAL B 49 -27.51 -5.78 13.01
CA VAL B 49 -26.80 -5.29 14.17
C VAL B 49 -27.81 -4.80 15.21
N ALA B 50 -28.84 -4.13 14.73
CA ALA B 50 -29.89 -3.59 15.59
C ALA B 50 -30.60 -4.65 16.42
N ARG B 51 -30.66 -5.89 15.91
CA ARG B 51 -31.32 -6.97 16.62
C ARG B 51 -30.39 -7.73 17.56
N VAL B 52 -29.33 -8.30 16.99
CA VAL B 52 -28.37 -9.08 17.76
C VAL B 52 -27.93 -8.35 19.03
N SER B 53 -27.98 -7.03 19.01
CA SER B 53 -27.56 -6.23 20.15
C SER B 53 -28.72 -5.65 20.95
N GLY B 54 -29.03 -4.38 20.68
CA GLY B 54 -30.11 -3.71 21.39
C GLY B 54 -31.16 -3.08 20.50
N VAL B 55 -31.00 -1.80 20.18
CA VAL B 55 -31.97 -1.09 19.36
C VAL B 55 -31.37 -0.12 18.35
N SER B 56 -31.96 -0.10 17.15
CA SER B 56 -31.54 0.79 16.07
C SER B 56 -32.01 2.21 16.36
N LYS B 57 -33.32 2.39 16.29
CA LYS B 57 -33.97 3.68 16.55
C LYS B 57 -33.13 4.91 16.15
N THR B 58 -32.75 4.98 14.88
CA THR B 58 -31.97 6.11 14.37
C THR B 58 -30.65 6.27 15.14
N THR B 59 -30.50 5.50 16.21
CA THR B 59 -29.29 5.54 17.03
C THR B 59 -28.05 5.24 16.22
N LEU B 60 -27.94 4.00 15.76
CA LEU B 60 -26.81 3.56 14.97
C LEU B 60 -26.47 4.57 13.88
N TYR B 61 -27.50 5.19 13.32
CA TYR B 61 -27.35 6.18 12.27
C TYR B 61 -26.73 7.47 12.79
N LYS B 62 -27.03 7.81 14.03
CA LYS B 62 -26.49 9.01 14.64
C LYS B 62 -25.03 8.78 15.00
N TRP B 63 -24.74 7.63 15.61
CA TRP B 63 -23.38 7.28 16.00
C TRP B 63 -22.53 6.94 14.78
N TRP B 64 -23.07 6.10 13.92
CA TRP B 64 -22.37 5.65 12.71
C TRP B 64 -23.15 5.96 11.44
N PRO B 65 -22.71 6.98 10.69
CA PRO B 65 -23.34 7.42 9.44
C PRO B 65 -23.27 6.43 8.27
N SER B 66 -22.44 5.40 8.37
CA SER B 66 -22.34 4.44 7.29
C SER B 66 -21.98 3.04 7.76
N LYS B 67 -22.01 2.09 6.84
CA LYS B 67 -21.66 0.72 7.14
C LYS B 67 -20.16 0.66 7.39
N GLY B 68 -19.42 1.45 6.61
CA GLY B 68 -17.98 1.50 6.76
C GLY B 68 -17.58 2.04 8.12
N ALA B 69 -18.25 3.09 8.56
CA ALA B 69 -17.96 3.70 9.86
C ALA B 69 -18.16 2.66 10.95
N LEU B 70 -19.32 2.02 10.94
CA LEU B 70 -19.63 0.99 11.92
C LEU B 70 -18.59 -0.14 11.87
N ALA B 71 -18.24 -0.56 10.67
CA ALA B 71 -17.26 -1.63 10.49
C ALA B 71 -15.90 -1.24 11.07
N LEU B 72 -15.43 -0.04 10.71
CA LEU B 72 -14.15 0.46 11.19
C LEU B 72 -14.08 0.53 12.71
N ASP B 73 -15.08 1.16 13.30
CA ASP B 73 -15.15 1.32 14.75
C ASP B 73 -15.16 -0.04 15.43
N GLY B 74 -16.05 -0.90 14.98
CA GLY B 74 -16.14 -2.24 15.55
C GLY B 74 -14.87 -3.04 15.33
N TYR B 75 -14.20 -2.85 14.19
CA TYR B 75 -12.97 -3.58 13.93
C TYR B 75 -11.83 -3.15 14.84
N PHE B 76 -11.63 -1.84 14.96
CA PHE B 76 -10.56 -1.30 15.80
C PHE B 76 -10.58 -1.92 17.18
N HIS B 77 -11.74 -1.87 17.82
CA HIS B 77 -11.91 -2.40 19.17
C HIS B 77 -11.82 -3.92 19.24
N ALA B 78 -12.10 -4.59 18.13
CA ALA B 78 -12.04 -6.04 18.10
C ALA B 78 -10.61 -6.57 18.14
N VAL B 79 -9.66 -5.83 17.58
CA VAL B 79 -8.28 -6.29 17.56
C VAL B 79 -7.34 -5.47 18.44
N GLU B 80 -7.88 -4.45 19.10
CA GLU B 80 -7.10 -3.56 19.96
C GLU B 80 -6.13 -4.29 20.91
N ASP B 81 -6.65 -5.26 21.66
CA ASP B 81 -5.83 -6.00 22.61
C ASP B 81 -4.80 -6.93 21.96
N THR B 82 -5.22 -7.66 20.94
CA THR B 82 -4.32 -8.57 20.25
C THR B 82 -3.15 -7.81 19.64
N LEU B 83 -3.42 -6.58 19.19
CA LEU B 83 -2.40 -5.77 18.54
C LEU B 83 -1.65 -4.80 19.45
N ALA B 84 -1.93 -4.84 20.74
CA ALA B 84 -1.24 -3.95 21.69
C ALA B 84 0.25 -4.24 21.64
N PHE B 85 1.07 -3.22 21.84
CA PHE B 85 2.52 -3.37 21.81
C PHE B 85 3.14 -3.85 23.12
N PRO B 86 4.02 -4.85 23.04
CA PRO B 86 4.63 -5.31 24.28
C PRO B 86 5.71 -4.29 24.59
N ASP B 87 6.20 -4.28 25.83
CA ASP B 87 7.26 -3.36 26.19
C ASP B 87 8.11 -4.03 27.25
N THR B 88 8.92 -4.99 26.82
CA THR B 88 9.78 -5.74 27.71
C THR B 88 11.18 -5.14 27.71
N GLY B 89 11.31 -3.93 27.16
CA GLY B 89 12.61 -3.28 27.12
C GLY B 89 13.43 -3.50 25.86
N ASP B 90 13.07 -4.48 25.04
CA ASP B 90 13.81 -4.74 23.80
C ASP B 90 12.95 -4.48 22.57
N VAL B 91 13.25 -3.38 21.88
CA VAL B 91 12.52 -2.98 20.69
C VAL B 91 12.49 -4.06 19.61
N ARG B 92 13.64 -4.70 19.37
CA ARG B 92 13.68 -5.75 18.36
C ARG B 92 12.66 -6.85 18.65
N ALA B 93 12.73 -7.40 19.85
CA ALA B 93 11.83 -8.48 20.26
C ALA B 93 10.36 -8.07 20.28
N ASP B 94 10.08 -6.87 20.79
CA ASP B 94 8.72 -6.38 20.89
C ASP B 94 8.09 -6.05 19.54
N LEU B 95 8.92 -5.53 18.63
CA LEU B 95 8.48 -5.18 17.29
C LEU B 95 8.15 -6.47 16.55
N LEU B 96 9.02 -7.46 16.70
CA LEU B 96 8.82 -8.76 16.08
C LEU B 96 7.52 -9.37 16.60
N ALA B 97 7.32 -9.29 17.91
CA ALA B 97 6.13 -9.83 18.56
C ALA B 97 4.85 -9.17 18.05
N GLN B 98 4.84 -7.84 18.01
CA GLN B 98 3.66 -7.12 17.55
C GLN B 98 3.41 -7.37 16.05
N LEU B 99 4.44 -7.29 15.23
CA LEU B 99 4.29 -7.53 13.79
C LEU B 99 3.75 -8.93 13.53
N ARG B 100 4.23 -9.93 14.28
CA ARG B 100 3.74 -11.29 14.09
C ARG B 100 2.28 -11.41 14.48
N ALA B 101 1.85 -10.69 15.52
CA ALA B 101 0.45 -10.73 15.91
C ALA B 101 -0.34 -10.02 14.80
N PHE B 102 0.25 -8.96 14.26
CA PHE B 102 -0.39 -8.19 13.21
C PHE B 102 -0.59 -9.02 11.95
N THR B 103 0.44 -9.75 11.53
CA THR B 103 0.32 -10.58 10.33
C THR B 103 -0.63 -11.75 10.52
N HIS B 104 -0.76 -12.24 11.75
CA HIS B 104 -1.69 -13.32 12.03
C HIS B 104 -3.13 -12.81 11.82
N VAL B 105 -3.40 -11.61 12.33
CA VAL B 105 -4.72 -11.01 12.17
C VAL B 105 -5.00 -10.68 10.70
N MET B 106 -4.01 -10.11 10.02
CA MET B 106 -4.15 -9.75 8.62
C MET B 106 -4.21 -10.93 7.64
N THR B 107 -3.60 -12.06 7.99
CA THR B 107 -3.58 -13.21 7.07
C THR B 107 -4.31 -14.46 7.54
N ARG B 108 -4.76 -14.50 8.79
CA ARG B 108 -5.46 -15.68 9.28
C ARG B 108 -6.89 -15.45 9.74
N THR B 109 -7.30 -14.18 9.84
CA THR B 109 -8.66 -13.83 10.22
C THR B 109 -9.17 -12.96 9.08
N PRO B 110 -10.44 -12.55 9.12
CA PRO B 110 -10.98 -11.71 8.04
C PRO B 110 -10.43 -10.27 8.04
N GLY B 111 -9.67 -9.93 9.08
CA GLY B 111 -9.10 -8.60 9.19
C GLY B 111 -8.45 -8.05 7.93
N GLY B 112 -7.62 -8.87 7.28
CA GLY B 112 -6.96 -8.41 6.06
C GLY B 112 -7.92 -8.06 4.93
N ARG B 113 -8.90 -8.92 4.68
CA ARG B 113 -9.88 -8.69 3.64
C ARG B 113 -10.74 -7.48 3.99
N ILE B 114 -11.04 -7.36 5.28
CA ILE B 114 -11.84 -6.24 5.74
C ILE B 114 -11.15 -4.91 5.47
N LEU B 115 -9.91 -4.76 5.91
CA LEU B 115 -9.21 -3.50 5.71
C LEU B 115 -8.87 -3.19 4.26
N THR B 116 -8.45 -4.18 3.48
CA THR B 116 -8.12 -3.92 2.09
C THR B 116 -9.34 -3.45 1.30
N GLU B 117 -10.50 -4.04 1.57
CA GLU B 117 -11.72 -3.66 0.88
C GLU B 117 -12.03 -2.21 1.24
N LEU B 118 -12.03 -1.92 2.55
CA LEU B 118 -12.30 -0.57 3.03
C LEU B 118 -11.29 0.42 2.45
N ILE B 119 -10.01 0.06 2.45
CA ILE B 119 -8.99 0.95 1.92
C ILE B 119 -9.29 1.17 0.44
N GLY B 120 -9.66 0.09 -0.25
CA GLY B 120 -9.97 0.19 -1.66
C GLY B 120 -11.10 1.18 -1.92
N ALA B 121 -12.21 1.01 -1.21
CA ALA B 121 -13.38 1.87 -1.37
C ALA B 121 -13.09 3.31 -1.02
N ALA B 122 -12.23 3.53 -0.04
CA ALA B 122 -11.90 4.89 0.39
C ALA B 122 -11.24 5.73 -0.71
N GLN B 123 -10.63 5.07 -1.69
CA GLN B 123 -9.98 5.78 -2.78
C GLN B 123 -10.93 6.65 -3.60
N THR B 124 -12.22 6.35 -3.53
CA THR B 124 -13.20 7.12 -4.28
C THR B 124 -14.39 7.55 -3.41
N ASP B 125 -14.17 7.58 -2.09
CA ASP B 125 -15.21 7.95 -1.14
C ASP B 125 -14.54 8.69 0.03
N ALA B 126 -14.48 10.01 -0.10
CA ALA B 126 -13.85 10.89 0.89
C ALA B 126 -14.30 10.71 2.34
N ASP B 127 -15.60 10.57 2.57
CA ASP B 127 -16.09 10.41 3.93
C ASP B 127 -15.58 9.12 4.55
N LEU B 128 -15.52 8.06 3.74
CA LEU B 128 -15.04 6.78 4.22
C LEU B 128 -13.54 6.87 4.51
N ALA B 129 -12.84 7.63 3.69
CA ALA B 129 -11.39 7.81 3.87
C ALA B 129 -11.15 8.51 5.20
N THR B 130 -11.94 9.54 5.48
CA THR B 130 -11.83 10.28 6.72
C THR B 130 -12.13 9.36 7.90
N ALA B 131 -13.20 8.59 7.78
CA ALA B 131 -13.59 7.66 8.83
C ALA B 131 -12.51 6.62 9.07
N TYR B 132 -11.88 6.14 8.01
CA TYR B 132 -10.83 5.13 8.12
C TYR B 132 -9.70 5.63 9.00
N ARG B 133 -9.33 6.89 8.80
CA ARG B 133 -8.24 7.48 9.57
C ARG B 133 -8.68 7.79 11.00
N GLN B 134 -9.88 8.35 11.15
CA GLN B 134 -10.36 8.71 12.49
C GLN B 134 -10.79 7.54 13.37
N LEU B 135 -11.29 6.48 12.77
CA LEU B 135 -11.74 5.33 13.54
C LEU B 135 -10.73 4.17 13.59
N TYR B 136 -9.70 4.22 12.76
CA TYR B 136 -8.73 3.14 12.77
C TYR B 136 -7.25 3.49 12.60
N SER B 137 -6.86 3.93 11.41
CA SER B 137 -5.45 4.20 11.14
C SER B 137 -4.69 5.23 11.98
N ALA B 138 -5.28 6.39 12.22
CA ALA B 138 -4.58 7.40 13.02
C ALA B 138 -4.16 6.83 14.37
N GLN B 139 -5.09 6.16 15.04
CA GLN B 139 -4.83 5.57 16.35
C GLN B 139 -3.79 4.45 16.28
N ARG B 140 -3.90 3.55 15.31
CA ARG B 140 -2.92 2.46 15.18
C ARG B 140 -1.52 3.05 15.01
N ARG B 141 -1.38 4.04 14.13
CA ARG B 141 -0.09 4.68 13.88
C ARG B 141 0.44 5.32 15.17
N ALA B 142 -0.45 5.98 15.92
CA ALA B 142 -0.06 6.63 17.17
C ALA B 142 0.45 5.58 18.15
N LEU B 143 -0.18 4.41 18.17
CA LEU B 143 0.23 3.34 19.07
C LEU B 143 1.61 2.81 18.70
N ALA B 144 1.86 2.69 17.41
CA ALA B 144 3.16 2.20 16.94
C ALA B 144 4.24 3.25 17.21
N ALA B 145 3.97 4.51 16.86
CA ALA B 145 4.92 5.59 17.07
C ALA B 145 5.29 5.70 18.56
N GLU B 146 4.28 5.53 19.42
CA GLU B 146 4.49 5.61 20.86
C GLU B 146 5.53 4.60 21.33
N ARG B 147 5.36 3.34 20.95
CA ARG B 147 6.31 2.30 21.33
C ARG B 147 7.67 2.60 20.74
N LEU B 148 7.68 3.18 19.54
CA LEU B 148 8.94 3.52 18.89
C LEU B 148 9.64 4.65 19.63
N ARG B 149 8.89 5.65 20.08
CA ARG B 149 9.46 6.77 20.81
C ARG B 149 10.15 6.30 22.08
N HIS B 150 9.52 5.35 22.78
CA HIS B 150 10.09 4.82 24.02
C HIS B 150 11.42 4.12 23.76
N ALA B 151 11.55 3.51 22.58
CA ALA B 151 12.81 2.84 22.26
C ALA B 151 13.82 3.93 21.96
N ARG B 152 13.38 4.96 21.23
CA ARG B 152 14.23 6.07 20.86
C ARG B 152 14.71 6.83 22.10
N GLU B 153 13.96 6.72 23.18
CA GLU B 153 14.33 7.39 24.43
C GLU B 153 15.45 6.62 25.11
N LEU B 154 15.32 5.29 25.12
CA LEU B 154 16.33 4.44 25.74
C LEU B 154 17.56 4.33 24.85
N GLY B 155 17.61 5.18 23.83
CA GLY B 155 18.73 5.18 22.91
C GLY B 155 18.84 3.92 22.07
N GLN B 156 17.75 3.16 21.98
CA GLN B 156 17.76 1.95 21.18
C GLN B 156 17.54 2.29 19.70
N ILE B 157 17.08 3.51 19.45
CA ILE B 157 16.86 3.99 18.10
C ILE B 157 17.51 5.36 18.00
N ARG B 158 18.24 5.61 16.92
CA ARG B 158 18.92 6.90 16.74
C ARG B 158 17.99 8.08 17.02
N PRO B 159 18.54 9.12 17.67
CA PRO B 159 17.80 10.33 18.04
C PRO B 159 17.17 11.13 16.89
N ASP B 160 17.79 11.08 15.72
CA ASP B 160 17.29 11.82 14.57
C ASP B 160 16.34 11.04 13.65
N VAL B 161 15.95 9.84 14.06
CA VAL B 161 15.05 9.02 13.26
C VAL B 161 13.59 9.40 13.47
N ASP B 162 12.87 9.59 12.37
CA ASP B 162 11.45 9.95 12.41
C ASP B 162 10.66 8.65 12.56
N VAL B 163 10.05 8.45 13.73
CA VAL B 163 9.30 7.22 13.98
C VAL B 163 8.08 7.01 13.08
N GLN B 164 7.52 8.08 12.55
CA GLN B 164 6.38 7.93 11.66
C GLN B 164 6.81 7.30 10.34
N VAL B 165 8.05 7.54 9.94
CA VAL B 165 8.56 6.95 8.70
C VAL B 165 8.69 5.44 8.91
N LEU B 166 9.14 5.04 10.10
CA LEU B 166 9.31 3.64 10.43
C LEU B 166 7.99 2.86 10.36
N VAL B 167 6.90 3.51 10.73
CA VAL B 167 5.61 2.86 10.69
C VAL B 167 5.28 2.42 9.25
N ASP B 168 5.58 3.28 8.28
CA ASP B 168 5.33 2.96 6.88
C ASP B 168 6.27 1.88 6.34
N GLN B 169 7.49 1.84 6.88
CA GLN B 169 8.47 0.86 6.44
C GLN B 169 8.32 -0.48 7.15
N LEU B 170 7.39 -0.54 8.09
CA LEU B 170 7.14 -1.76 8.82
C LEU B 170 5.72 -2.22 8.48
N TRP B 171 4.72 -1.66 9.17
CA TRP B 171 3.32 -2.03 8.90
C TRP B 171 2.91 -1.64 7.48
N GLY B 172 3.41 -0.50 7.00
CA GLY B 172 3.08 -0.06 5.65
C GLY B 172 3.50 -1.09 4.60
N ALA B 173 4.69 -1.66 4.78
CA ALA B 173 5.20 -2.67 3.87
C ALA B 173 4.29 -3.88 3.84
N VAL B 174 3.79 -4.29 5.00
CA VAL B 174 2.89 -5.43 5.06
C VAL B 174 1.59 -5.09 4.32
N TYR B 175 1.05 -3.91 4.60
CA TYR B 175 -0.18 -3.48 3.93
C TYR B 175 0.02 -3.54 2.42
N HIS B 176 1.18 -3.08 1.96
CA HIS B 176 1.47 -3.07 0.54
C HIS B 176 1.41 -4.46 -0.10
N ARG B 177 2.06 -5.45 0.50
CA ARG B 177 2.03 -6.79 -0.05
C ARG B 177 0.63 -7.37 -0.02
N LEU B 178 -0.17 -6.92 0.94
CA LEU B 178 -1.55 -7.37 1.07
C LEU B 178 -2.42 -6.75 -0.04
N LEU B 179 -2.27 -5.45 -0.24
CA LEU B 179 -3.03 -4.72 -1.25
C LEU B 179 -2.63 -5.11 -2.69
N ILE B 180 -1.35 -5.40 -2.89
CA ILE B 180 -0.81 -5.78 -4.20
C ILE B 180 0.02 -7.04 -3.95
N PRO B 181 -0.64 -8.20 -3.91
CA PRO B 181 0.01 -9.49 -3.66
C PRO B 181 0.93 -10.12 -4.70
N ASP B 182 1.99 -9.42 -5.09
CA ASP B 182 2.95 -9.97 -6.05
C ASP B 182 3.87 -10.92 -5.28
N GLU B 183 4.00 -10.67 -3.97
CA GLU B 183 4.84 -11.47 -3.08
C GLU B 183 4.05 -11.86 -1.83
N PRO B 184 4.40 -13.00 -1.22
CA PRO B 184 3.70 -13.48 -0.02
C PRO B 184 4.09 -12.85 1.30
N VAL B 185 3.11 -12.71 2.19
CA VAL B 185 3.34 -12.17 3.52
C VAL B 185 3.57 -13.36 4.44
N ASP B 186 4.84 -13.70 4.66
CA ASP B 186 5.19 -14.84 5.53
C ASP B 186 6.12 -14.36 6.65
N ASP B 187 6.40 -15.24 7.61
CA ASP B 187 7.26 -14.86 8.74
C ASP B 187 8.63 -14.37 8.32
N ALA B 188 9.19 -14.97 7.26
CA ALA B 188 10.50 -14.56 6.77
C ALA B 188 10.44 -13.09 6.37
N PHE B 189 9.33 -12.70 5.76
CA PHE B 189 9.10 -11.33 5.32
C PHE B 189 9.10 -10.41 6.53
N VAL B 190 8.25 -10.73 7.51
CA VAL B 190 8.13 -9.95 8.73
C VAL B 190 9.45 -9.79 9.47
N THR B 191 10.21 -10.87 9.58
CA THR B 191 11.50 -10.81 10.26
C THR B 191 12.49 -9.93 9.52
N ALA B 192 12.54 -10.04 8.20
CA ALA B 192 13.47 -9.23 7.41
C ALA B 192 13.11 -7.74 7.50
N LEU B 193 11.83 -7.45 7.61
CA LEU B 193 11.35 -6.09 7.73
C LEU B 193 12.05 -5.40 8.91
N VAL B 194 12.01 -6.06 10.07
CA VAL B 194 12.61 -5.54 11.29
C VAL B 194 14.13 -5.52 11.25
N THR B 195 14.72 -6.64 10.83
CA THR B 195 16.17 -6.74 10.78
C THR B 195 16.79 -5.76 9.80
N ASN B 196 16.18 -5.61 8.61
CA ASN B 196 16.71 -4.69 7.61
C ASN B 196 16.77 -3.29 8.19
N LEU B 197 15.70 -2.90 8.87
CA LEU B 197 15.58 -1.58 9.43
C LEU B 197 16.47 -1.31 10.64
N LEU B 198 16.49 -2.24 11.59
CA LEU B 198 17.32 -2.07 12.78
C LEU B 198 18.81 -2.14 12.50
N ASP B 199 19.22 -3.11 11.69
CA ASP B 199 20.63 -3.28 11.37
C ASP B 199 21.08 -2.60 10.06
N GLY B 200 20.13 -2.19 9.23
CA GLY B 200 20.50 -1.56 7.97
C GLY B 200 20.89 -2.63 6.96
N VAL B 201 20.80 -2.31 5.68
CA VAL B 201 21.14 -3.28 4.65
C VAL B 201 22.51 -3.10 3.97
N CYS B 202 23.30 -2.14 4.45
CA CYS B 202 24.63 -1.92 3.89
C CYS B 202 25.73 -2.49 4.76
N PRO B 203 26.87 -2.84 4.16
CA PRO B 203 28.01 -3.41 4.89
C PRO B 203 28.53 -2.46 5.97
#